data_8R2Z
#
_entry.id   8R2Z
#
_cell.length_a   44.438
_cell.length_b   45.514
_cell.length_c   116.923
_cell.angle_alpha   90.000
_cell.angle_beta   90.000
_cell.angle_gamma   90.000
#
_symmetry.space_group_name_H-M   'P 21 21 21'
#
loop_
_entity.id
_entity.type
_entity.pdbx_description
1 polymer Beta-lactamase
2 non-polymer (9S)-7-oxidanyl-8-oxa-7-boranuidabicyclo[4.3.0]nona-1,3,5-triene-9-carbonitrile
3 non-polymer 'DIMETHYL SULFOXIDE'
4 non-polymer 'SULFATE ION'
5 non-polymer 'CHLORIDE ION'
6 non-polymer 'SODIUM ION'
7 water water
#
_entity_poly.entity_id   1
_entity_poly.type   'polypeptide(L)'
_entity_poly.pdbx_seq_one_letter_code
;GPQTADVQQKLAELERQSGGRLGVALINTADNSQILYRADERFAMCSTSKVMAAAAVLKKSESEPNLLNQRVEIKKSDLV
NYNPIAEKHVNGTMSLAELSAAALQYSDNVAMNKLIAHVGGPASVTAFARQLGDETFRLDRTEPTLNTAIPGDPRDTTSP
RAMAQTLRNLTLGKALGDSQRAQLVTWMKGNTTGAASIQAGLPASWVVGDKTGSGGYGTTNDIAVIWPKDRAPLILVTYF
TQPQPKAESRRDVLASAAKIVTDGL
;
_entity_poly.pdbx_strand_id   A
#
# COMPACT_ATOMS: atom_id res chain seq x y z
N ALA A 5 8.24 -18.76 14.53
CA ALA A 5 8.26 -19.83 15.53
C ALA A 5 7.80 -19.26 16.87
N ASP A 6 8.76 -18.76 17.66
CA ASP A 6 8.39 -17.88 18.76
C ASP A 6 7.73 -16.62 18.22
N VAL A 7 8.23 -16.10 17.09
N VAL A 7 8.23 -16.10 17.10
CA VAL A 7 7.58 -14.97 16.44
CA VAL A 7 7.57 -14.96 16.46
C VAL A 7 6.15 -15.33 16.06
C VAL A 7 6.15 -15.32 16.08
N GLN A 8 5.92 -16.58 15.65
CA GLN A 8 4.57 -17.01 15.32
C GLN A 8 3.65 -16.95 16.52
N GLN A 9 4.14 -17.43 17.67
CA GLN A 9 3.34 -17.37 18.88
C GLN A 9 3.06 -15.93 19.27
N LYS A 10 4.04 -15.05 19.09
CA LYS A 10 3.85 -13.65 19.46
C LYS A 10 2.81 -12.98 18.55
N LEU A 11 2.85 -13.27 17.23
CA LEU A 11 1.87 -12.70 16.34
C LEU A 11 0.48 -13.25 16.66
N ALA A 12 0.38 -14.54 17.01
CA ALA A 12 -0.91 -15.11 17.37
C ALA A 12 -1.46 -14.44 18.63
N GLU A 13 -0.59 -14.18 19.62
CA GLU A 13 -1.04 -13.49 20.82
C GLU A 13 -1.47 -12.06 20.50
N LEU A 14 -0.71 -11.37 19.65
CA LEU A 14 -1.11 -10.03 19.25
C LEU A 14 -2.47 -10.07 18.58
N GLU A 15 -2.68 -11.02 17.67
CA GLU A 15 -3.95 -11.12 17.00
C GLU A 15 -5.07 -11.35 18.02
N ARG A 16 -4.85 -12.29 18.94
CA ARG A 16 -5.83 -12.58 19.98
C ARG A 16 -6.18 -11.32 20.76
N GLN A 17 -5.16 -10.60 21.25
N GLN A 17 -5.17 -10.60 21.24
CA GLN A 17 -5.41 -9.38 21.99
CA GLN A 17 -5.42 -9.39 22.01
C GLN A 17 -6.20 -8.39 21.19
C GLN A 17 -6.16 -8.34 21.20
N SER A 18 -5.88 -8.27 19.90
CA SER A 18 -6.47 -7.23 19.06
C SER A 18 -7.95 -7.44 18.81
N GLY A 19 -8.43 -8.67 18.87
CA GLY A 19 -9.80 -8.99 18.56
C GLY A 19 -10.13 -9.11 17.08
N GLY A 20 -9.18 -8.89 16.18
CA GLY A 20 -9.42 -8.94 14.76
C GLY A 20 -8.63 -10.01 14.04
N ARG A 21 -8.41 -9.81 12.75
CA ARG A 21 -7.74 -10.77 11.88
C ARG A 21 -6.51 -10.05 11.33
N LEU A 22 -5.34 -10.60 11.62
CA LEU A 22 -4.06 -9.99 11.29
C LEU A 22 -3.36 -10.80 10.20
N GLY A 23 -2.81 -10.10 9.20
CA GLY A 23 -2.05 -10.72 8.14
C GLY A 23 -0.70 -10.05 8.02
N VAL A 24 0.37 -10.83 8.06
CA VAL A 24 1.72 -10.31 8.04
C VAL A 24 2.56 -11.07 7.02
N ALA A 25 3.33 -10.35 6.24
CA ALA A 25 4.41 -10.95 5.47
C ALA A 25 5.62 -10.04 5.52
N LEU A 26 6.71 -10.56 6.07
CA LEU A 26 8.01 -9.92 6.05
C LEU A 26 8.90 -10.70 5.09
N ILE A 27 9.59 -9.99 4.20
CA ILE A 27 10.68 -10.54 3.40
C ILE A 27 11.96 -9.88 3.88
N ASN A 28 12.91 -10.70 4.31
CA ASN A 28 14.22 -10.19 4.69
C ASN A 28 15.15 -10.49 3.52
N THR A 29 15.56 -9.45 2.81
CA THR A 29 16.32 -9.68 1.59
C THR A 29 17.76 -10.11 1.87
N ALA A 30 18.21 -10.05 3.12
CA ALA A 30 19.55 -10.55 3.43
C ALA A 30 19.71 -12.01 3.06
N ASP A 31 18.70 -12.83 3.39
CA ASP A 31 18.76 -14.27 3.19
C ASP A 31 17.55 -14.80 2.46
N ASN A 32 16.71 -13.94 1.89
CA ASN A 32 15.51 -14.37 1.17
C ASN A 32 14.62 -15.21 2.06
N SER A 33 14.53 -14.84 3.34
CA SER A 33 13.65 -15.50 4.27
C SER A 33 12.37 -14.69 4.44
N GLN A 34 11.36 -15.36 4.96
CA GLN A 34 10.06 -14.75 5.18
C GLN A 34 9.52 -15.11 6.56
N ILE A 35 8.77 -14.18 7.12
CA ILE A 35 7.91 -14.43 8.28
C ILE A 35 6.49 -14.18 7.81
N LEU A 36 5.64 -15.19 7.96
CA LEU A 36 4.30 -15.19 7.39
C LEU A 36 3.28 -15.51 8.46
N TYR A 37 2.19 -14.76 8.44
CA TYR A 37 1.08 -15.02 9.36
C TYR A 37 -0.21 -14.71 8.59
N ARG A 38 -1.04 -15.71 8.37
CA ARG A 38 -2.23 -15.57 7.52
C ARG A 38 -1.86 -14.98 6.17
N ALA A 39 -0.67 -15.31 5.66
CA ALA A 39 -0.12 -14.58 4.52
C ALA A 39 -0.77 -14.96 3.20
N ASP A 40 -1.55 -16.04 3.17
CA ASP A 40 -2.30 -16.40 1.98
C ASP A 40 -3.79 -16.08 2.07
N GLU A 41 -4.23 -15.46 3.17
CA GLU A 41 -5.61 -15.00 3.27
C GLU A 41 -5.76 -13.65 2.58
N ARG A 42 -6.98 -13.38 2.12
CA ARG A 42 -7.29 -12.12 1.49
C ARG A 42 -7.71 -11.08 2.52
N PHE A 43 -7.28 -9.84 2.28
CA PHE A 43 -7.65 -8.67 3.06
C PHE A 43 -7.94 -7.53 2.11
N ALA A 44 -8.92 -6.70 2.46
CA ALA A 44 -9.17 -5.48 1.71
C ALA A 44 -7.97 -4.55 1.80
N MET A 45 -7.43 -4.18 0.65
CA MET A 45 -6.22 -3.37 0.60
C MET A 45 -6.44 -1.94 1.06
N CYS A 46 -7.62 -1.40 0.82
CA CYS A 46 -7.88 0.02 1.04
C CYS A 46 -6.79 0.84 0.37
N SER A 47 -6.32 1.91 1.00
CA SER A 47 -5.43 2.81 0.28
C SER A 47 -4.05 2.21 -0.01
N THR A 48 -3.72 1.02 0.52
CA THR A 48 -2.45 0.43 0.10
C THR A 48 -2.45 0.10 -1.39
N SER A 49 -3.64 -0.02 -2.00
CA SER A 49 -3.75 -0.26 -3.45
C SER A 49 -3.28 0.93 -4.27
N LYS A 50 -3.13 2.10 -3.64
CA LYS A 50 -2.65 3.27 -4.38
C LYS A 50 -1.24 3.07 -4.90
N VAL A 51 -0.44 2.23 -4.24
CA VAL A 51 0.89 1.90 -4.75
C VAL A 51 0.78 1.25 -6.13
N MET A 52 -0.12 0.27 -6.29
N MET A 52 -0.15 0.30 -6.30
CA MET A 52 -0.23 -0.42 -7.57
CA MET A 52 -0.28 -0.42 -7.55
C MET A 52 -0.74 0.53 -8.66
C MET A 52 -0.81 0.45 -8.66
N ALA A 53 -1.71 1.38 -8.34
CA ALA A 53 -2.21 2.32 -9.35
C ALA A 53 -1.11 3.26 -9.80
N ALA A 54 -0.35 3.83 -8.87
CA ALA A 54 0.76 4.70 -9.25
C ALA A 54 1.82 3.94 -10.03
N ALA A 55 2.10 2.70 -9.63
CA ALA A 55 3.09 1.91 -10.35
C ALA A 55 2.64 1.60 -11.78
N ALA A 56 1.33 1.39 -11.97
CA ALA A 56 0.83 1.12 -13.31
C ALA A 56 1.04 2.32 -14.21
N VAL A 57 0.83 3.53 -13.69
CA VAL A 57 1.09 4.73 -14.46
C VAL A 57 2.58 4.89 -14.72
N LEU A 58 3.41 4.62 -13.71
CA LEU A 58 4.85 4.70 -13.94
C LEU A 58 5.28 3.72 -15.02
N LYS A 59 4.74 2.51 -15.01
CA LYS A 59 5.08 1.55 -16.04
C LYS A 59 4.70 2.05 -17.42
N LYS A 60 3.48 2.58 -17.56
CA LYS A 60 3.07 3.13 -18.84
C LYS A 60 4.01 4.25 -19.29
N SER A 61 4.54 5.04 -18.35
CA SER A 61 5.42 6.16 -18.70
C SER A 61 6.77 5.72 -19.27
N GLU A 62 7.14 4.44 -19.09
N GLU A 62 7.14 4.44 -19.09
CA GLU A 62 8.40 3.98 -19.66
CA GLU A 62 8.40 3.97 -19.65
C GLU A 62 8.40 4.06 -21.17
C GLU A 62 8.39 4.05 -21.17
N SER A 63 7.24 3.83 -21.79
CA SER A 63 7.13 3.87 -23.25
C SER A 63 6.42 5.13 -23.75
N GLU A 64 5.95 5.99 -22.85
CA GLU A 64 5.37 7.28 -23.20
C GLU A 64 5.93 8.27 -22.19
N PRO A 65 7.18 8.69 -22.37
CA PRO A 65 7.87 9.40 -21.27
C PRO A 65 7.34 10.80 -20.99
N ASN A 66 6.45 11.35 -21.82
CA ASN A 66 5.76 12.59 -21.49
C ASN A 66 4.49 12.35 -20.68
N LEU A 67 4.17 11.09 -20.39
CA LEU A 67 2.91 10.78 -19.72
C LEU A 67 2.79 11.49 -18.37
N LEU A 68 3.87 11.52 -17.59
CA LEU A 68 3.77 12.09 -16.25
C LEU A 68 3.46 13.58 -16.28
N ASN A 69 3.72 14.26 -17.39
CA ASN A 69 3.42 15.67 -17.51
C ASN A 69 2.01 15.93 -18.02
N GLN A 70 1.27 14.89 -18.43
CA GLN A 70 -0.08 15.08 -18.94
C GLN A 70 -0.97 15.70 -17.86
N ARG A 71 -1.73 16.72 -18.26
CA ARG A 71 -2.59 17.46 -17.35
C ARG A 71 -3.98 16.83 -17.29
N VAL A 72 -4.54 16.74 -16.09
CA VAL A 72 -5.82 16.14 -15.83
C VAL A 72 -6.67 17.19 -15.11
N GLU A 73 -7.86 17.46 -15.65
CA GLU A 73 -8.75 18.43 -15.01
C GLU A 73 -9.30 17.88 -13.69
N ILE A 74 -9.33 18.74 -12.67
CA ILE A 74 -9.95 18.45 -11.37
C ILE A 74 -11.22 19.29 -11.31
N LYS A 75 -12.37 18.63 -11.28
CA LYS A 75 -13.66 19.28 -11.26
C LYS A 75 -14.32 19.05 -9.91
N LYS A 76 -15.28 19.92 -9.58
CA LYS A 76 -16.07 19.69 -8.38
C LYS A 76 -16.70 18.30 -8.41
N SER A 77 -17.11 17.85 -9.60
CA SER A 77 -17.74 16.56 -9.77
C SER A 77 -16.79 15.40 -9.48
N ASP A 78 -15.48 15.65 -9.41
CA ASP A 78 -14.52 14.62 -9.10
C ASP A 78 -14.34 14.42 -7.60
N LEU A 79 -14.76 15.36 -6.78
CA LEU A 79 -14.48 15.25 -5.35
C LEU A 79 -15.22 14.07 -4.76
N VAL A 80 -14.56 13.37 -3.86
CA VAL A 80 -15.17 12.27 -3.13
C VAL A 80 -15.05 12.59 -1.64
N ASN A 81 -14.68 11.59 -0.83
CA ASN A 81 -14.75 11.72 0.61
C ASN A 81 -13.43 12.08 1.28
N TYR A 82 -12.34 12.15 0.53
CA TYR A 82 -11.03 12.42 1.13
C TYR A 82 -10.15 13.00 0.01
N ASN A 83 -10.08 14.33 -0.01
CA ASN A 83 -9.56 15.08 -1.16
C ASN A 83 -8.56 16.15 -0.71
N PRO A 84 -7.63 15.82 0.18
CA PRO A 84 -6.79 16.87 0.78
C PRO A 84 -6.01 17.71 -0.22
N ILE A 85 -5.53 17.10 -1.31
CA ILE A 85 -4.80 17.83 -2.33
C ILE A 85 -5.73 18.28 -3.44
N ALA A 86 -6.54 17.36 -3.95
CA ALA A 86 -7.37 17.69 -5.10
C ALA A 86 -8.32 18.85 -4.84
N GLU A 87 -8.83 18.98 -3.61
CA GLU A 87 -9.76 20.06 -3.33
C GLU A 87 -9.11 21.42 -3.56
N LYS A 88 -7.79 21.51 -3.38
CA LYS A 88 -7.09 22.77 -3.58
C LYS A 88 -6.86 23.09 -5.05
N HIS A 89 -7.11 22.14 -5.95
CA HIS A 89 -6.84 22.31 -7.37
C HIS A 89 -8.11 22.25 -8.21
N VAL A 90 -9.27 22.30 -7.58
CA VAL A 90 -10.52 22.30 -8.32
C VAL A 90 -10.52 23.46 -9.30
N ASN A 91 -11.00 23.19 -10.52
CA ASN A 91 -11.09 24.10 -11.64
C ASN A 91 -9.74 24.32 -12.32
N GLY A 92 -8.70 23.64 -11.88
CA GLY A 92 -7.44 23.63 -12.58
C GLY A 92 -7.10 22.21 -12.99
N THR A 93 -5.84 21.96 -13.31
CA THR A 93 -5.36 20.64 -13.67
C THR A 93 -4.23 20.24 -12.73
N MET A 94 -4.01 18.94 -12.65
CA MET A 94 -2.85 18.37 -12.01
C MET A 94 -2.22 17.41 -13.01
N SER A 95 -0.89 17.35 -13.02
CA SER A 95 -0.22 16.38 -13.87
C SER A 95 -0.35 14.98 -13.26
N LEU A 96 -0.13 13.97 -14.09
CA LEU A 96 -0.14 12.60 -13.58
C LEU A 96 0.95 12.40 -12.55
N ALA A 97 2.09 13.09 -12.66
CA ALA A 97 3.08 13.03 -11.59
C ALA A 97 2.53 13.59 -10.28
N GLU A 98 1.88 14.75 -10.34
CA GLU A 98 1.31 15.34 -9.13
C GLU A 98 0.24 14.45 -8.54
N LEU A 99 -0.59 13.84 -9.39
CA LEU A 99 -1.63 12.95 -8.89
C LEU A 99 -1.03 11.72 -8.23
N SER A 100 0.04 11.19 -8.81
CA SER A 100 0.71 10.06 -8.19
C SER A 100 1.25 10.43 -6.81
N ALA A 101 1.92 11.58 -6.70
CA ALA A 101 2.44 12.05 -5.43
C ALA A 101 1.30 12.25 -4.43
N ALA A 102 0.20 12.86 -4.88
CA ALA A 102 -0.91 13.12 -3.97
C ALA A 102 -1.52 11.82 -3.47
N ALA A 103 -1.68 10.82 -4.35
CA ALA A 103 -2.24 9.55 -3.93
C ALA A 103 -1.33 8.83 -2.94
N LEU A 104 -0.02 8.90 -3.17
CA LEU A 104 0.91 8.15 -2.35
C LEU A 104 1.30 8.86 -1.06
N GLN A 105 1.37 10.18 -1.07
CA GLN A 105 1.89 10.93 0.06
C GLN A 105 0.82 11.53 0.94
N TYR A 106 -0.38 11.76 0.40
CA TYR A 106 -1.50 12.29 1.15
C TYR A 106 -2.72 11.39 1.08
N SER A 107 -2.59 10.24 0.42
CA SER A 107 -3.68 9.29 0.29
C SER A 107 -4.90 9.88 -0.38
N ASP A 108 -4.70 10.83 -1.29
CA ASP A 108 -5.82 11.53 -1.91
C ASP A 108 -6.65 10.59 -2.79
N ASN A 109 -7.96 10.55 -2.53
CA ASN A 109 -8.83 9.63 -3.23
C ASN A 109 -9.19 10.10 -4.63
N VAL A 110 -9.28 11.42 -4.86
CA VAL A 110 -9.47 11.91 -6.22
C VAL A 110 -8.27 11.53 -7.07
N ALA A 111 -7.09 11.71 -6.53
CA ALA A 111 -5.87 11.36 -7.25
C ALA A 111 -5.88 9.90 -7.63
N MET A 112 -6.22 9.02 -6.69
CA MET A 112 -6.36 7.60 -7.00
C MET A 112 -7.33 7.38 -8.16
N ASN A 113 -8.49 8.01 -8.11
CA ASN A 113 -9.46 7.81 -9.18
C ASN A 113 -8.91 8.26 -10.52
N LYS A 114 -8.12 9.34 -10.55
CA LYS A 114 -7.53 9.78 -11.81
C LYS A 114 -6.49 8.79 -12.32
N LEU A 115 -5.71 8.21 -11.43
CA LEU A 115 -4.75 7.20 -11.85
C LEU A 115 -5.49 5.99 -12.41
N ILE A 116 -6.51 5.54 -11.70
CA ILE A 116 -7.31 4.42 -12.16
C ILE A 116 -7.89 4.71 -13.54
N ALA A 117 -8.49 5.89 -13.69
CA ALA A 117 -9.11 6.22 -14.96
C ALA A 117 -8.09 6.21 -16.09
N HIS A 118 -6.93 6.79 -15.84
N HIS A 118 -6.88 6.73 -15.82
CA HIS A 118 -5.96 6.91 -16.92
CA HIS A 118 -5.88 6.94 -16.86
C HIS A 118 -5.56 5.54 -17.44
C HIS A 118 -5.04 5.71 -17.19
N VAL A 119 -5.30 4.58 -16.54
CA VAL A 119 -4.81 3.30 -17.03
C VAL A 119 -5.90 2.42 -17.57
N GLY A 120 -7.16 2.79 -17.35
CA GLY A 120 -8.26 2.07 -18.00
C GLY A 120 -9.27 1.48 -17.04
N GLY A 121 -9.18 1.79 -15.75
CA GLY A 121 -10.11 1.27 -14.79
C GLY A 121 -9.49 0.24 -13.87
N PRO A 122 -10.25 -0.17 -12.85
CA PRO A 122 -9.69 -1.11 -11.87
C PRO A 122 -9.16 -2.39 -12.49
N ALA A 123 -9.82 -2.91 -13.52
CA ALA A 123 -9.39 -4.14 -14.16
C ALA A 123 -8.07 -3.96 -14.89
N SER A 124 -7.76 -2.73 -15.31
CA SER A 124 -6.47 -2.49 -15.94
CA SER A 124 -6.48 -2.46 -15.94
C SER A 124 -5.35 -2.43 -14.91
N VAL A 125 -5.62 -1.93 -13.70
CA VAL A 125 -4.62 -2.03 -12.64
C VAL A 125 -4.37 -3.51 -12.32
N THR A 126 -5.45 -4.31 -12.26
CA THR A 126 -5.30 -5.75 -12.04
C THR A 126 -4.48 -6.39 -13.15
N ALA A 127 -4.73 -6.01 -14.42
CA ALA A 127 -3.97 -6.57 -15.52
C ALA A 127 -2.48 -6.24 -15.39
N PHE A 128 -2.16 -5.03 -14.91
CA PHE A 128 -0.78 -4.66 -14.65
C PHE A 128 -0.17 -5.60 -13.62
N ALA A 129 -0.91 -5.86 -12.53
CA ALA A 129 -0.42 -6.80 -11.53
C ALA A 129 -0.15 -8.16 -12.15
N ARG A 130 -1.08 -8.64 -12.98
CA ARG A 130 -0.92 -9.95 -13.60
C ARG A 130 0.33 -9.99 -14.46
N GLN A 131 0.56 -8.90 -15.20
CA GLN A 131 1.71 -8.85 -16.11
C GLN A 131 3.01 -8.88 -15.33
N LEU A 132 3.00 -8.42 -14.07
CA LEU A 132 4.16 -8.54 -13.20
C LEU A 132 4.36 -9.94 -12.64
N GLY A 133 3.34 -10.79 -12.68
CA GLY A 133 3.39 -12.10 -12.04
C GLY A 133 2.64 -12.21 -10.74
N ASP A 134 1.85 -11.21 -10.39
CA ASP A 134 0.99 -11.24 -9.20
C ASP A 134 -0.39 -11.65 -9.66
N GLU A 135 -0.77 -12.89 -9.31
CA GLU A 135 -2.04 -13.46 -9.72
C GLU A 135 -3.05 -13.46 -8.57
N THR A 136 -2.77 -12.70 -7.51
CA THR A 136 -3.63 -12.59 -6.33
C THR A 136 -4.30 -11.24 -6.22
N PHE A 137 -3.55 -10.17 -6.43
CA PHE A 137 -4.09 -8.82 -6.37
C PHE A 137 -5.32 -8.69 -7.24
N ARG A 138 -6.34 -8.03 -6.72
CA ARG A 138 -7.47 -7.60 -7.55
C ARG A 138 -7.96 -6.24 -7.10
N LEU A 139 -8.04 -5.31 -8.06
CA LEU A 139 -8.69 -4.02 -7.87
C LEU A 139 -9.98 -4.08 -8.69
N ASP A 140 -11.08 -3.71 -8.05
N ASP A 140 -11.10 -3.83 -8.01
CA ASP A 140 -12.40 -3.96 -8.62
CA ASP A 140 -12.43 -3.99 -8.56
C ASP A 140 -13.28 -2.72 -8.65
C ASP A 140 -13.19 -2.69 -8.69
N ARG A 141 -13.03 -1.78 -7.74
CA ARG A 141 -13.82 -0.58 -7.61
C ARG A 141 -12.94 0.66 -7.60
N THR A 142 -13.59 1.81 -7.78
CA THR A 142 -12.98 3.10 -7.61
C THR A 142 -13.13 3.57 -6.17
N GLU A 143 -12.56 4.75 -5.88
CA GLU A 143 -12.80 5.43 -4.62
C GLU A 143 -14.17 6.10 -4.67
N PRO A 144 -14.93 6.09 -3.58
CA PRO A 144 -14.56 5.65 -2.24
C PRO A 144 -14.94 4.22 -1.91
N THR A 145 -15.66 3.54 -2.79
CA THR A 145 -16.26 2.27 -2.39
C THR A 145 -15.25 1.16 -2.25
N LEU A 146 -14.04 1.28 -2.81
CA LEU A 146 -13.07 0.21 -2.69
C LEU A 146 -12.63 -0.04 -1.24
N ASN A 147 -13.01 0.82 -0.30
N ASN A 147 -13.01 0.85 -0.31
CA ASN A 147 -12.61 0.65 1.10
CA ASN A 147 -12.63 0.74 1.10
C ASN A 147 -13.70 0.07 1.99
C ASN A 147 -13.66 0.03 1.98
N THR A 148 -14.77 -0.49 1.44
CA THR A 148 -15.83 -0.99 2.31
C THR A 148 -15.35 -2.11 3.23
N ALA A 149 -14.49 -3.00 2.73
CA ALA A 149 -13.82 -4.01 3.54
C ALA A 149 -14.80 -4.94 4.26
N ILE A 150 -15.85 -5.35 3.55
CA ILE A 150 -16.87 -6.21 4.15
C ILE A 150 -16.30 -7.62 4.32
N PRO A 151 -16.47 -8.25 5.47
CA PRO A 151 -15.95 -9.61 5.64
C PRO A 151 -16.54 -10.54 4.60
N GLY A 152 -15.68 -11.37 4.01
CA GLY A 152 -16.09 -12.31 2.99
C GLY A 152 -16.10 -11.77 1.58
N ASP A 153 -15.92 -10.46 1.40
CA ASP A 153 -16.01 -9.83 0.08
C ASP A 153 -14.62 -9.82 -0.54
N PRO A 154 -14.41 -10.47 -1.68
CA PRO A 154 -13.07 -10.49 -2.26
C PRO A 154 -12.72 -9.26 -3.08
N ARG A 155 -13.66 -8.33 -3.27
CA ARG A 155 -13.34 -7.16 -4.08
C ARG A 155 -12.21 -6.37 -3.43
N ASP A 156 -11.29 -5.90 -4.27
CA ASP A 156 -10.25 -4.96 -3.81
C ASP A 156 -9.39 -5.57 -2.70
N THR A 157 -9.05 -6.85 -2.88
CA THR A 157 -8.26 -7.58 -1.90
C THR A 157 -6.95 -8.08 -2.50
N THR A 158 -6.02 -8.39 -1.61
CA THR A 158 -4.89 -9.22 -1.95
C THR A 158 -4.46 -9.96 -0.69
N SER A 159 -3.41 -10.77 -0.81
CA SER A 159 -2.86 -11.44 0.37
C SER A 159 -1.59 -10.76 0.81
N PRO A 160 -1.21 -10.91 2.09
CA PRO A 160 0.07 -10.33 2.53
C PRO A 160 1.24 -10.86 1.73
N ARG A 161 1.28 -12.15 1.46
CA ARG A 161 2.40 -12.73 0.71
C ARG A 161 2.50 -12.09 -0.68
N ALA A 162 1.38 -12.00 -1.39
CA ALA A 162 1.45 -11.49 -2.75
C ALA A 162 1.86 -10.03 -2.75
N MET A 163 1.33 -9.24 -1.82
CA MET A 163 1.65 -7.84 -1.82
C MET A 163 3.09 -7.59 -1.41
N ALA A 164 3.61 -8.40 -0.48
CA ALA A 164 5.03 -8.25 -0.12
C ALA A 164 5.92 -8.56 -1.31
N GLN A 165 5.64 -9.67 -2.00
CA GLN A 165 6.47 -10.04 -3.14
C GLN A 165 6.37 -8.99 -4.24
N THR A 166 5.17 -8.48 -4.50
CA THR A 166 5.03 -7.45 -5.51
C THR A 166 5.67 -6.15 -5.10
N LEU A 167 5.51 -5.74 -3.85
CA LEU A 167 6.20 -4.51 -3.42
C LEU A 167 7.72 -4.68 -3.54
N ARG A 168 8.24 -5.87 -3.22
N ARG A 168 8.24 -5.87 -3.24
CA ARG A 168 9.66 -6.11 -3.41
CA ARG A 168 9.67 -6.10 -3.41
C ARG A 168 10.04 -5.90 -4.87
C ARG A 168 10.07 -5.94 -4.87
N ASN A 169 9.27 -6.49 -5.79
CA ASN A 169 9.54 -6.37 -7.22
C ASN A 169 9.56 -4.91 -7.65
N LEU A 170 8.59 -4.14 -7.18
CA LEU A 170 8.45 -2.76 -7.61
C LEU A 170 9.53 -1.85 -7.05
N THR A 171 9.93 -2.05 -5.79
CA THR A 171 10.82 -1.11 -5.11
C THR A 171 12.27 -1.57 -5.06
N LEU A 172 12.54 -2.87 -5.01
CA LEU A 172 13.88 -3.42 -4.93
C LEU A 172 14.27 -4.21 -6.16
N GLY A 173 13.31 -4.71 -6.90
CA GLY A 173 13.55 -5.38 -8.16
C GLY A 173 13.46 -4.43 -9.32
N LYS A 174 13.28 -4.98 -10.51
CA LYS A 174 13.32 -4.21 -11.76
C LYS A 174 12.06 -4.39 -12.58
N ALA A 175 10.91 -4.51 -11.89
CA ALA A 175 9.63 -4.43 -12.57
C ALA A 175 9.47 -3.11 -13.30
N LEU A 176 10.01 -2.06 -12.71
CA LEU A 176 10.01 -0.72 -13.29
C LEU A 176 11.42 -0.36 -13.72
N GLY A 177 11.50 0.51 -14.70
CA GLY A 177 12.76 1.06 -15.14
C GLY A 177 13.42 1.87 -14.05
N ASP A 178 14.71 2.15 -14.27
CA ASP A 178 15.53 2.78 -13.24
C ASP A 178 14.90 4.07 -12.74
N SER A 179 14.49 4.93 -13.66
N SER A 179 14.52 4.96 -13.68
CA SER A 179 13.90 6.20 -13.25
CA SER A 179 13.86 6.20 -13.31
C SER A 179 12.57 5.99 -12.53
C SER A 179 12.61 5.93 -12.49
N GLN A 180 11.76 5.05 -13.01
CA GLN A 180 10.43 4.87 -12.44
C GLN A 180 10.50 4.24 -11.07
N ARG A 181 11.38 3.26 -10.89
CA ARG A 181 11.54 2.65 -9.57
CA ARG A 181 11.54 2.65 -9.57
C ARG A 181 12.02 3.68 -8.57
N ALA A 182 13.01 4.49 -8.95
CA ALA A 182 13.49 5.52 -8.06
C ALA A 182 12.37 6.49 -7.69
N GLN A 183 11.52 6.81 -8.66
CA GLN A 183 10.43 7.73 -8.40
C GLN A 183 9.42 7.13 -7.43
N LEU A 184 9.08 5.86 -7.60
CA LEU A 184 8.15 5.22 -6.66
C LEU A 184 8.70 5.26 -5.24
N VAL A 185 9.97 4.90 -5.09
CA VAL A 185 10.59 4.86 -3.78
C VAL A 185 10.63 6.25 -3.17
N THR A 186 11.03 7.24 -3.95
CA THR A 186 11.06 8.60 -3.44
C THR A 186 9.69 9.02 -2.97
N TRP A 187 8.65 8.72 -3.76
CA TRP A 187 7.30 9.09 -3.34
C TRP A 187 6.93 8.41 -2.03
N MET A 188 7.20 7.11 -1.91
CA MET A 188 6.80 6.39 -0.70
C MET A 188 7.60 6.86 0.52
N LYS A 189 8.87 7.24 0.34
CA LYS A 189 9.65 7.78 1.44
C LYS A 189 9.13 9.11 1.92
N GLY A 190 8.42 9.84 1.06
CA GLY A 190 7.82 11.11 1.41
C GLY A 190 6.39 11.02 1.90
N ASN A 191 5.89 9.82 2.13
CA ASN A 191 4.55 9.65 2.69
C ASN A 191 4.40 10.44 3.98
N THR A 192 3.28 11.12 4.12
CA THR A 192 3.02 11.90 5.33
C THR A 192 2.10 11.19 6.32
N THR A 193 1.61 10.00 5.98
N THR A 193 1.59 10.00 6.00
CA THR A 193 0.50 9.34 6.67
CA THR A 193 0.52 9.39 6.78
C THR A 193 0.90 8.07 7.43
C THR A 193 0.93 8.18 7.60
N GLY A 194 2.19 7.76 7.56
CA GLY A 194 2.58 6.43 8.02
C GLY A 194 3.30 6.33 9.36
N ALA A 195 3.49 7.45 10.04
CA ALA A 195 4.36 7.44 11.22
C ALA A 195 3.81 6.62 12.38
N ALA A 196 2.49 6.43 12.44
CA ALA A 196 1.88 5.68 13.53
C ALA A 196 1.74 4.19 13.23
N SER A 197 2.10 3.74 12.03
CA SER A 197 1.90 2.34 11.63
C SER A 197 3.21 1.57 11.70
N ILE A 198 3.65 0.95 10.60
CA ILE A 198 4.88 0.15 10.69
C ILE A 198 6.03 0.95 11.30
N GLN A 199 6.20 2.21 10.89
CA GLN A 199 7.29 3.03 11.38
C GLN A 199 7.32 3.12 12.91
N ALA A 200 6.16 3.09 13.55
CA ALA A 200 6.08 3.21 15.01
C ALA A 200 6.60 1.97 15.72
N GLY A 201 6.81 0.87 15.01
CA GLY A 201 7.38 -0.33 15.58
C GLY A 201 8.84 -0.56 15.27
N LEU A 202 9.50 0.38 14.62
CA LEU A 202 10.88 0.26 14.20
C LEU A 202 11.72 1.34 14.86
N PRO A 203 13.02 1.09 15.01
CA PRO A 203 13.91 2.14 15.52
C PRO A 203 13.83 3.42 14.69
N ALA A 204 14.11 4.53 15.37
CA ALA A 204 14.03 5.83 14.74
C ALA A 204 15.02 5.98 13.60
N SER A 205 16.14 5.27 13.64
CA SER A 205 17.17 5.44 12.62
C SER A 205 16.82 4.76 11.30
N TRP A 206 15.85 3.88 11.29
CA TRP A 206 15.58 3.12 10.08
C TRP A 206 14.79 3.99 9.10
N VAL A 207 15.06 3.81 7.81
CA VAL A 207 14.41 4.58 6.77
C VAL A 207 13.28 3.74 6.18
N VAL A 208 12.11 4.36 6.01
CA VAL A 208 10.91 3.64 5.59
C VAL A 208 10.25 4.39 4.44
N GLY A 209 9.87 3.64 3.41
CA GLY A 209 8.88 4.09 2.47
C GLY A 209 7.66 3.24 2.62
N ASP A 210 6.50 3.83 2.87
CA ASP A 210 5.32 3.02 3.15
C ASP A 210 4.08 3.67 2.56
N LYS A 211 3.03 2.87 2.48
CA LYS A 211 1.69 3.35 2.16
C LYS A 211 0.70 2.69 3.09
N THR A 212 -0.06 3.50 3.82
CA THR A 212 -1.08 2.99 4.71
C THR A 212 -2.42 2.81 4.01
N GLY A 213 -3.32 2.12 4.68
CA GLY A 213 -4.69 1.98 4.26
C GLY A 213 -5.62 1.93 5.44
N SER A 214 -6.82 2.45 5.24
N SER A 214 -6.79 2.50 5.27
N SER A 214 -6.78 2.53 5.29
CA SER A 214 -7.85 2.54 6.26
CA SER A 214 -7.84 2.48 6.28
CA SER A 214 -7.86 2.50 6.28
C SER A 214 -9.21 2.36 5.59
C SER A 214 -9.18 2.32 5.59
C SER A 214 -9.17 2.28 5.56
N GLY A 215 -10.10 1.61 6.23
CA GLY A 215 -11.38 1.33 5.63
C GLY A 215 -12.40 0.87 6.63
N GLY A 216 -13.53 0.38 6.11
CA GLY A 216 -14.58 -0.13 6.96
C GLY A 216 -14.10 -1.31 7.77
N TYR A 217 -14.90 -1.69 8.75
CA TYR A 217 -14.57 -2.81 9.64
C TYR A 217 -13.23 -2.57 10.33
N GLY A 218 -12.94 -1.32 10.62
CA GLY A 218 -11.70 -1.01 11.32
C GLY A 218 -10.46 -1.47 10.62
N THR A 219 -10.53 -1.56 9.30
CA THR A 219 -9.41 -2.07 8.52
C THR A 219 -8.27 -1.08 8.59
N THR A 220 -7.08 -1.58 8.94
CA THR A 220 -5.92 -0.74 9.21
C THR A 220 -4.74 -1.49 8.63
N ASN A 221 -4.10 -0.91 7.60
CA ASN A 221 -3.10 -1.60 6.84
C ASN A 221 -1.86 -0.73 6.61
N ASP A 222 -0.74 -1.37 6.31
CA ASP A 222 0.46 -0.64 5.90
C ASP A 222 1.33 -1.59 5.11
N ILE A 223 1.97 -1.10 4.06
CA ILE A 223 2.95 -1.86 3.30
C ILE A 223 4.19 -0.99 3.20
N ALA A 224 5.35 -1.61 3.38
CA ALA A 224 6.56 -0.80 3.51
C ALA A 224 7.78 -1.49 2.93
N VAL A 225 8.68 -0.67 2.38
CA VAL A 225 10.07 -1.03 2.14
C VAL A 225 10.90 -0.34 3.21
N ILE A 226 11.80 -1.09 3.84
CA ILE A 226 12.49 -0.64 5.05
C ILE A 226 13.98 -0.80 4.82
N TRP A 227 14.73 0.23 5.15
CA TRP A 227 16.19 0.13 5.15
C TRP A 227 16.68 0.20 6.59
N PRO A 228 16.94 -0.93 7.23
CA PRO A 228 17.45 -0.89 8.61
C PRO A 228 18.89 -0.42 8.61
N LYS A 229 19.31 0.10 9.74
CA LYS A 229 20.69 0.54 9.85
C LYS A 229 21.63 -0.63 9.61
N ASP A 230 22.52 -0.46 8.62
CA ASP A 230 23.60 -1.41 8.33
C ASP A 230 23.10 -2.80 7.98
N ARG A 231 21.93 -2.89 7.36
N ARG A 231 21.93 -2.89 7.36
CA ARG A 231 21.37 -4.17 6.97
CA ARG A 231 21.37 -4.17 6.98
C ARG A 231 20.73 -4.05 5.60
C ARG A 231 20.72 -4.04 5.59
N ALA A 232 20.57 -5.18 4.93
CA ALA A 232 19.85 -5.20 3.66
C ALA A 232 18.38 -4.85 3.89
N PRO A 233 17.70 -4.41 2.85
N PRO A 233 17.70 -4.38 2.85
CA PRO A 233 16.32 -3.94 3.04
CA PRO A 233 16.32 -3.95 3.02
C PRO A 233 15.35 -5.07 3.35
C PRO A 233 15.39 -5.07 3.44
N LEU A 234 14.26 -4.67 4.02
CA LEU A 234 13.14 -5.53 4.31
C LEU A 234 11.92 -5.04 3.55
N ILE A 235 11.01 -5.96 3.28
CA ILE A 235 9.66 -5.63 2.84
C ILE A 235 8.70 -6.15 3.89
N LEU A 236 7.77 -5.31 4.32
CA LEU A 236 6.80 -5.72 5.32
C LEU A 236 5.40 -5.28 4.92
N VAL A 237 4.47 -6.22 4.93
CA VAL A 237 3.04 -5.96 4.80
C VAL A 237 2.38 -6.34 6.10
N THR A 238 1.61 -5.43 6.67
CA THR A 238 0.77 -5.71 7.83
C THR A 238 -0.64 -5.27 7.51
N TYR A 239 -1.55 -6.23 7.48
N TYR A 239 -1.54 -6.23 7.38
CA TYR A 239 -2.95 -6.00 7.18
CA TYR A 239 -2.96 -5.97 7.19
C TYR A 239 -3.78 -6.40 8.40
C TYR A 239 -3.70 -6.32 8.47
N PHE A 240 -4.80 -5.62 8.72
CA PHE A 240 -5.59 -5.91 9.91
C PHE A 240 -7.03 -5.49 9.67
N THR A 241 -7.99 -6.33 10.07
CA THR A 241 -9.39 -6.00 9.94
C THR A 241 -10.15 -6.59 11.11
N GLN A 242 -11.34 -6.06 11.38
CA GLN A 242 -12.05 -6.29 12.63
C GLN A 242 -13.48 -6.73 12.35
N PRO A 243 -14.16 -7.29 13.34
CA PRO A 243 -15.48 -7.86 13.06
C PRO A 243 -16.61 -6.84 13.02
N GLN A 244 -16.41 -5.65 13.61
CA GLN A 244 -17.48 -4.68 13.75
C GLN A 244 -17.43 -3.66 12.62
N PRO A 245 -18.54 -3.37 11.96
CA PRO A 245 -18.48 -2.41 10.84
C PRO A 245 -17.87 -1.07 11.22
N LYS A 246 -18.16 -0.59 12.43
CA LYS A 246 -17.71 0.72 12.87
C LYS A 246 -16.51 0.66 13.82
N ALA A 247 -15.78 -0.44 13.79
CA ALA A 247 -14.59 -0.52 14.62
C ALA A 247 -13.63 0.62 14.29
N GLU A 248 -12.91 1.09 15.32
N GLU A 248 -12.91 1.08 15.33
CA GLU A 248 -11.95 2.15 15.11
CA GLU A 248 -11.91 2.12 15.17
C GLU A 248 -10.62 1.59 14.61
C GLU A 248 -10.64 1.56 14.55
N SER A 249 -9.84 2.46 13.99
CA SER A 249 -8.54 2.06 13.47
C SER A 249 -7.64 1.57 14.59
N ARG A 250 -6.72 0.67 14.25
CA ARG A 250 -5.78 0.10 15.21
C ARG A 250 -4.37 0.12 14.62
N ARG A 251 -3.84 1.33 14.42
N ARG A 251 -3.85 1.32 14.41
CA ARG A 251 -2.49 1.47 13.91
CA ARG A 251 -2.48 1.44 13.91
C ARG A 251 -1.48 0.86 14.88
C ARG A 251 -1.47 0.87 14.88
N ASP A 252 -1.79 0.87 16.18
CA ASP A 252 -0.91 0.28 17.16
C ASP A 252 -0.70 -1.21 16.91
N VAL A 253 -1.68 -1.90 16.36
CA VAL A 253 -1.52 -3.32 16.07
C VAL A 253 -0.47 -3.52 14.99
N LEU A 254 -0.47 -2.64 13.98
CA LEU A 254 0.53 -2.75 12.93
C LEU A 254 1.92 -2.44 13.49
N ALA A 255 2.04 -1.41 14.34
CA ALA A 255 3.32 -1.11 14.97
C ALA A 255 3.82 -2.29 15.78
N SER A 256 2.92 -2.93 16.53
CA SER A 256 3.31 -4.08 17.34
C SER A 256 3.76 -5.25 16.46
N ALA A 257 3.04 -5.51 15.36
CA ALA A 257 3.44 -6.57 14.45
C ALA A 257 4.83 -6.28 13.88
N ALA A 258 5.09 -5.03 13.52
CA ALA A 258 6.38 -4.66 12.96
C ALA A 258 7.49 -4.87 13.99
N LYS A 259 7.23 -4.49 15.24
CA LYS A 259 8.22 -4.71 16.28
C LYS A 259 8.48 -6.20 16.49
N ILE A 260 7.42 -7.01 16.51
CA ILE A 260 7.58 -8.44 16.71
C ILE A 260 8.45 -9.06 15.62
N VAL A 261 8.18 -8.74 14.35
CA VAL A 261 8.86 -9.45 13.27
C VAL A 261 10.25 -8.91 12.99
N THR A 262 10.60 -7.73 13.47
CA THR A 262 11.93 -7.19 13.24
C THR A 262 12.82 -7.28 14.47
N ASP A 263 12.29 -7.79 15.57
CA ASP A 263 13.10 -7.94 16.78
C ASP A 263 14.35 -8.75 16.44
N GLY A 264 15.52 -8.16 16.68
CA GLY A 264 16.78 -8.80 16.40
C GLY A 264 17.45 -8.38 15.11
N LEU A 265 16.74 -7.66 14.23
CA LEU A 265 17.32 -7.26 12.96
C LEU A 265 17.96 -5.87 13.02
#